data_3TEU
#
_entry.id   3TEU
#
_cell.length_a   28.390
_cell.length_b   40.070
_cell.length_c   61.520
_cell.angle_alpha   90.00
_cell.angle_beta   90.00
_cell.angle_gamma   90.00
#
_symmetry.space_group_name_H-M   'P 21 21 21'
#
loop_
_entity.id
_entity.type
_entity.pdbx_description
1 polymer Fibcon
2 non-polymer '1,4-DIETHYLENE DIOXIDE'
3 water water
#
_entity_poly.entity_id   1
_entity_poly.type   'polypeptide(L)'
_entity_poly.pdbx_seq_one_letter_code
;MLDAPTDLQVTNVTDTSITVSWTPPSATITGYRITYTPSNGPGEPKELTVPPSSTSVTITGLTPGVEYVVSVYALKDNQE
SPPLVGTQTTGGHHHHHH
;
_entity_poly.pdbx_strand_id   A
#
# COMPACT_ATOMS: atom_id res chain seq x y z
N MET A 1 -7.92 16.83 -9.93
N MET A 1 -7.87 17.31 -10.31
CA MET A 1 -6.76 16.69 -8.98
CA MET A 1 -6.90 17.04 -9.20
C MET A 1 -7.04 16.47 -7.58
C MET A 1 -7.56 16.19 -8.00
N LEU A 2 -6.42 15.49 -7.00
N LEU A 2 -6.76 15.36 -7.26
CA LEU A 2 -7.20 14.70 -6.19
CA LEU A 2 -7.23 14.62 -6.01
C LEU A 2 -6.41 14.64 -4.89
C LEU A 2 -6.38 14.72 -4.77
N ASP A 3 -7.04 14.79 -3.69
CA ASP A 3 -6.27 14.69 -2.45
C ASP A 3 -5.99 13.22 -2.11
N ALA A 4 -4.92 13.06 -1.35
CA ALA A 4 -4.43 11.71 -0.99
C ALA A 4 -5.22 11.11 0.12
N PRO A 5 -5.28 9.77 0.18
CA PRO A 5 -5.72 9.09 1.39
C PRO A 5 -4.79 9.41 2.54
N THR A 6 -5.24 9.10 3.78
CA THR A 6 -4.48 9.43 4.98
C THR A 6 -4.38 8.26 5.92
N ASP A 7 -3.46 8.36 6.89
CA ASP A 7 -3.37 7.47 8.06
C ASP A 7 -3.19 5.99 7.64
N LEU A 8 -2.03 5.69 7.07
CA LEU A 8 -1.70 4.33 6.70
C LEU A 8 -1.47 3.48 7.94
N GLN A 9 -2.21 2.42 8.11
CA GLN A 9 -2.11 1.53 9.25
C GLN A 9 -1.83 0.14 8.77
N VAL A 10 -0.85 -0.40 9.46
N VAL A 10 -0.70 -0.54 9.18
CA VAL A 10 -0.60 -1.78 9.25
CA VAL A 10 -0.21 -1.89 8.66
C VAL A 10 -1.29 -2.59 10.33
C VAL A 10 -0.33 -2.93 9.74
N THR A 11 -2.22 -3.42 9.94
N THR A 11 -1.11 -3.96 9.49
CA THR A 11 -3.00 -4.19 10.90
CA THR A 11 -1.46 -5.00 10.41
C THR A 11 -2.56 -5.64 11.08
C THR A 11 -1.26 -6.40 9.80
N ASN A 12 -1.70 -6.11 10.15
N ASN A 12 -1.47 -7.45 10.58
CA ASN A 12 -1.12 -7.45 10.26
CA ASN A 12 -1.42 -8.81 10.08
C ASN A 12 0.12 -7.54 9.41
C ASN A 12 -0.04 -9.05 9.41
N VAL A 13 1.07 -8.41 9.93
CA VAL A 13 2.32 -8.62 9.24
C VAL A 13 2.80 -10.02 9.49
N THR A 14 3.23 -10.66 8.43
CA THR A 14 3.80 -12.01 8.52
C THR A 14 5.14 -11.97 7.78
N ASP A 15 5.75 -13.13 7.60
CA ASP A 15 6.99 -13.17 6.86
C ASP A 15 6.78 -12.82 5.40
N THR A 16 5.59 -13.00 4.86
CA THR A 16 5.32 -12.86 3.44
C THR A 16 4.15 -11.97 3.09
N SER A 17 3.55 -11.31 4.04
CA SER A 17 2.35 -10.51 3.78
C SER A 17 2.25 -9.37 4.73
N ILE A 18 1.49 -8.36 4.27
CA ILE A 18 1.17 -7.14 5.05
CA ILE A 18 1.10 -7.28 5.13
C ILE A 18 -0.30 -6.83 4.76
N THR A 19 -1.08 -6.47 5.78
CA THR A 19 -2.40 -5.88 5.59
C THR A 19 -2.30 -4.43 5.90
N VAL A 20 -2.81 -3.60 5.04
N VAL A 20 -2.72 -3.62 4.90
CA VAL A 20 -2.82 -2.21 5.43
CA VAL A 20 -2.54 -2.14 4.75
C VAL A 20 -4.16 -1.63 5.11
C VAL A 20 -4.03 -1.56 4.83
N SER A 21 -4.33 -0.54 5.73
CA SER A 21 -5.56 0.20 5.80
CA SER A 21 -5.60 0.20 5.72
C SER A 21 -5.29 1.69 5.66
N TRP A 22 -6.28 2.44 5.20
CA TRP A 22 -6.15 3.87 5.07
C TRP A 22 -7.52 4.54 5.20
N THR A 23 -7.47 5.86 5.35
CA THR A 23 -8.67 6.69 5.43
C THR A 23 -8.86 7.38 4.07
N PRO A 24 -10.07 7.40 3.53
CA PRO A 24 -10.26 8.01 2.21
C PRO A 24 -9.92 9.50 2.21
N PRO A 25 -9.60 10.04 1.05
CA PRO A 25 -9.50 11.48 0.90
C PRO A 25 -10.89 12.11 1.00
N SER A 26 -10.94 13.41 1.11
N SER A 26 -10.92 13.43 1.08
CA SER A 26 -12.18 14.18 0.90
CA SER A 26 -12.21 14.11 1.27
C SER A 26 -12.83 14.13 -0.56
C SER A 26 -12.55 14.52 -0.12
N ALA A 27 -12.10 13.98 -1.62
N ALA A 27 -13.06 13.56 -0.86
CA ALA A 27 -12.68 13.92 -2.91
CA ALA A 27 -13.33 13.71 -2.25
C ALA A 27 -13.57 12.66 -3.14
C ALA A 27 -14.13 12.55 -2.76
N THR A 28 -14.59 12.73 -4.01
CA THR A 28 -15.23 11.60 -4.66
C THR A 28 -14.17 10.78 -5.40
N ILE A 29 -14.17 9.48 -5.18
CA ILE A 29 -13.16 8.62 -5.83
C ILE A 29 -13.81 7.40 -6.48
N THR A 30 -13.03 6.82 -7.38
CA THR A 30 -13.43 5.68 -8.15
C THR A 30 -12.51 4.47 -8.01
N GLY A 31 -11.48 4.54 -7.18
CA GLY A 31 -10.60 3.40 -6.98
C GLY A 31 -9.39 3.82 -6.18
N TYR A 32 -8.54 2.83 -5.87
CA TYR A 32 -7.21 3.09 -5.34
C TYR A 32 -6.20 2.23 -6.13
N ARG A 33 -5.01 2.78 -6.25
CA ARG A 33 -3.84 2.03 -6.73
C ARG A 33 -2.85 1.94 -5.58
N ILE A 34 -2.31 0.75 -5.37
CA ILE A 34 -1.34 0.50 -4.29
C ILE A 34 -0.07 0.01 -4.93
N THR A 35 1.07 0.59 -4.61
CA THR A 35 2.34 0.06 -5.03
C THR A 35 3.13 -0.41 -3.83
N TYR A 36 4.04 -1.34 -4.07
CA TYR A 36 4.86 -1.86 -3.01
C TYR A 36 6.20 -2.29 -3.61
N THR A 37 7.27 -2.01 -2.85
CA THR A 37 8.61 -2.42 -3.28
C THR A 37 9.51 -2.39 -2.08
N PRO A 38 10.55 -3.21 -2.03
CA PRO A 38 11.52 -3.03 -0.93
C PRO A 38 12.20 -1.70 -1.03
N SER A 39 12.54 -1.09 0.11
CA SER A 39 13.39 0.06 0.11
C SER A 39 14.71 -0.21 -0.59
N ASN A 40 15.24 -1.41 -0.45
CA ASN A 40 16.49 -1.78 -1.10
C ASN A 40 16.29 -2.25 -2.53
N GLY A 41 15.12 -2.18 -3.11
CA GLY A 41 14.88 -2.62 -4.51
C GLY A 41 15.35 -1.41 -5.39
N PRO A 42 15.64 -1.54 -6.73
CA PRO A 42 15.98 -0.39 -7.65
C PRO A 42 14.93 0.73 -7.54
N GLY A 43 13.88 0.32 -6.84
CA GLY A 43 12.78 1.21 -6.59
C GLY A 43 11.67 1.20 -7.65
N GLU A 44 11.72 0.11 -8.45
N GLU A 44 11.57 0.75 -8.94
CA GLU A 44 10.64 -0.04 -9.43
CA GLU A 44 10.23 0.74 -9.71
C GLU A 44 9.50 -0.91 -8.88
C GLU A 44 9.41 -0.44 -9.07
N PRO A 45 8.25 -0.25 -8.59
CA PRO A 45 7.45 -1.11 -7.73
C PRO A 45 6.50 -2.02 -8.45
N LYS A 46 5.97 -2.96 -7.71
CA LYS A 46 4.81 -3.69 -8.14
C LYS A 46 3.52 -2.93 -7.82
N GLU A 47 2.47 -3.14 -8.61
CA GLU A 47 1.25 -2.33 -8.53
C GLU A 47 0.04 -3.27 -8.46
N LEU A 48 -0.95 -2.78 -7.68
N LEU A 48 -0.94 -2.86 -7.69
CA LEU A 48 -2.26 -3.44 -7.44
CA LEU A 48 -2.23 -3.48 -7.66
C LEU A 48 -3.31 -2.37 -7.58
C LEU A 48 -3.29 -2.38 -7.66
N THR A 49 -4.51 -2.74 -7.99
CA THR A 49 -5.65 -1.83 -7.90
C THR A 49 -6.79 -2.50 -7.18
N VAL A 50 -7.62 -1.67 -6.59
CA VAL A 50 -8.80 -2.09 -5.84
C VAL A 50 -9.95 -1.12 -6.12
N PRO A 51 -11.18 -1.58 -5.90
CA PRO A 51 -12.33 -0.68 -6.00
C PRO A 51 -12.29 0.35 -4.86
N PRO A 52 -13.08 1.41 -5.01
CA PRO A 52 -13.07 2.49 -3.99
C PRO A 52 -13.65 2.06 -2.67
N SER A 53 -14.47 1.01 -2.69
CA SER A 53 -15.03 0.42 -1.49
C SER A 53 -13.96 -0.33 -0.67
N SER A 54 -12.79 -0.59 -1.22
CA SER A 54 -11.72 -1.22 -0.47
C SER A 54 -10.86 -0.13 0.14
N THR A 55 -10.88 -0.03 1.49
CA THR A 55 -10.01 0.86 2.22
C THR A 55 -8.95 0.09 3.02
N SER A 56 -8.83 -1.20 2.71
CA SER A 56 -7.76 -2.04 3.16
C SER A 56 -7.40 -2.97 1.99
N VAL A 57 -6.19 -3.51 2.03
CA VAL A 57 -5.78 -4.54 1.11
C VAL A 57 -4.68 -5.36 1.78
N THR A 58 -4.60 -6.63 1.47
CA THR A 58 -3.51 -7.47 1.92
C THR A 58 -2.63 -7.80 0.73
N ILE A 59 -1.35 -7.56 0.91
CA ILE A 59 -0.30 -7.78 -0.07
C ILE A 59 0.44 -9.05 0.32
N THR A 60 0.54 -9.99 -0.61
CA THR A 60 1.12 -11.29 -0.36
C THR A 60 2.32 -11.52 -1.25
N GLY A 61 2.98 -12.64 -1.03
CA GLY A 61 4.14 -12.99 -1.80
C GLY A 61 5.38 -12.18 -1.57
N LEU A 62 5.48 -11.58 -0.40
CA LEU A 62 6.59 -10.70 -0.08
C LEU A 62 7.80 -11.45 0.41
N THR A 63 8.95 -10.75 0.26
CA THR A 63 10.23 -11.28 0.75
C THR A 63 10.31 -11.13 2.26
N PRO A 64 10.68 -12.20 2.99
CA PRO A 64 10.85 -12.06 4.45
C PRO A 64 11.98 -11.16 4.88
N GLY A 65 11.78 -10.44 5.97
CA GLY A 65 12.85 -9.73 6.68
C GLY A 65 13.31 -8.42 6.10
N VAL A 66 12.53 -7.79 5.21
CA VAL A 66 12.99 -6.58 4.54
C VAL A 66 11.93 -5.47 4.67
N GLU A 67 12.42 -4.24 4.61
CA GLU A 67 11.54 -3.09 4.65
C GLU A 67 10.87 -2.88 3.29
N TYR A 68 9.57 -2.82 3.28
CA TYR A 68 8.76 -2.45 2.13
C TYR A 68 8.24 -1.04 2.29
N VAL A 69 8.16 -0.37 1.13
CA VAL A 69 7.47 0.91 1.02
CA VAL A 69 7.52 0.94 0.94
C VAL A 69 6.18 0.69 0.29
N VAL A 70 5.09 1.09 0.95
CA VAL A 70 3.75 0.94 0.46
C VAL A 70 3.19 2.36 0.16
N SER A 71 2.68 2.51 -1.07
CA SER A 71 2.17 3.81 -1.53
C SER A 71 0.73 3.62 -2.00
N VAL A 72 -0.19 4.41 -1.48
CA VAL A 72 -1.60 4.31 -1.82
C VAL A 72 -2.03 5.61 -2.51
N TYR A 73 -2.53 5.47 -3.74
CA TYR A 73 -3.00 6.56 -4.57
C TYR A 73 -4.50 6.48 -4.69
N ALA A 74 -5.22 7.57 -4.44
CA ALA A 74 -6.64 7.63 -4.80
C ALA A 74 -6.76 7.88 -6.29
N LEU A 75 -7.81 7.33 -6.86
CA LEU A 75 -8.12 7.46 -8.28
C LEU A 75 -9.49 8.07 -8.46
N LYS A 76 -9.63 8.88 -9.52
CA LYS A 76 -10.93 9.44 -9.90
C LYS A 76 -10.90 9.46 -11.39
N ASP A 77 -11.52 8.49 -12.00
CA ASP A 77 -11.36 8.28 -13.40
C ASP A 77 -9.92 8.14 -13.81
N ASN A 78 -9.38 8.88 -14.80
N ASN A 78 -9.45 9.08 -14.63
CA ASN A 78 -7.96 8.79 -15.19
CA ASN A 78 -8.14 9.09 -15.22
C ASN A 78 -7.17 9.91 -14.42
C ASN A 78 -7.16 9.78 -14.30
N GLN A 79 -7.63 10.34 -13.23
CA GLN A 79 -6.82 11.18 -12.32
C GLN A 79 -6.31 10.36 -11.13
N GLU A 80 -5.16 10.74 -10.59
CA GLU A 80 -4.58 10.14 -9.37
C GLU A 80 -4.10 11.19 -8.40
N SER A 81 -4.22 10.93 -7.08
CA SER A 81 -3.68 11.78 -6.03
C SER A 81 -2.19 11.58 -5.89
N PRO A 82 -1.50 12.47 -5.16
CA PRO A 82 -0.17 12.06 -4.60
C PRO A 82 -0.40 10.89 -3.68
N PRO A 83 0.65 10.09 -3.44
CA PRO A 83 0.46 8.90 -2.63
C PRO A 83 0.52 9.18 -1.14
N LEU A 84 -0.20 8.33 -0.40
CA LEU A 84 0.02 8.10 1.03
C LEU A 84 1.11 7.04 1.12
N VAL A 85 2.21 7.34 1.84
CA VAL A 85 3.36 6.45 1.88
C VAL A 85 3.67 6.04 3.31
N GLY A 86 3.89 4.74 3.49
CA GLY A 86 4.38 4.22 4.78
C GLY A 86 5.29 3.05 4.54
N THR A 87 5.99 2.63 5.57
CA THR A 87 6.94 1.54 5.50
C THR A 87 6.60 0.44 6.52
N GLN A 88 7.07 -0.78 6.21
CA GLN A 88 6.88 -1.92 7.08
C GLN A 88 7.89 -2.96 6.72
N THR A 89 8.59 -3.51 7.75
CA THR A 89 9.45 -4.67 7.56
C THR A 89 8.66 -5.94 7.76
N THR A 90 8.80 -6.88 6.81
CA THR A 90 8.16 -8.19 6.94
C THR A 90 8.89 -9.02 8.03
N GLY A 91 8.19 -10.01 8.54
CA GLY A 91 8.75 -10.91 9.55
C GLY A 91 9.84 -11.78 9.00
N GLY A 92 10.59 -12.42 9.92
CA GLY A 92 11.44 -13.53 9.57
C GLY A 92 12.89 -13.22 9.20
N HIS A 93 13.39 -12.01 9.46
CA HIS A 93 14.75 -11.66 9.08
C HIS A 93 15.80 -12.70 9.50
N HIS A 94 15.71 -13.19 10.72
CA HIS A 94 16.74 -14.09 11.19
C HIS A 94 16.30 -15.58 11.11
N HIS A 95 15.24 -15.90 10.40
CA HIS A 95 14.77 -17.28 10.30
C HIS A 95 14.97 -17.86 8.89
N HIS A 96 15.13 -19.17 8.78
CA HIS A 96 15.24 -19.83 7.49
C HIS A 96 13.83 -19.88 6.87
N HIS A 97 13.78 -20.08 5.59
CA HIS A 97 12.53 -20.30 4.93
C HIS A 97 12.68 -21.43 3.94
N HIS A 98 11.97 -22.52 4.17
CA HIS A 98 12.00 -23.67 3.32
C HIS A 98 13.43 -24.18 3.22
#